data_8J4V
#
_entry.id   8J4V
#
_cell.length_a   36.010
_cell.length_b   37.200
_cell.length_c   48.380
_cell.angle_alpha   90.000
_cell.angle_beta   111.610
_cell.angle_gamma   90.000
#
_symmetry.space_group_name_H-M   'P 1 21 1'
#
loop_
_entity.id
_entity.type
_entity.pdbx_description
1 polymer 'Protein NrdI'
2 non-polymer 'FLAVIN MONONUCLEOTIDE'
3 non-polymer 'PHOSPHATE ION'
4 non-polymer GLYCEROL
5 water water
#
_entity_poly.entity_id   1
_entity_poly.type   'polypeptide(L)'
_entity_poly.pdbx_seq_one_letter_code
;VTVGGLVYFSSVSEYTHRFVEKLGLPATRIPLHGRIEVDEPYVLILPTYGGGRATPDINHGGYVPKQVIAFLNNEHNRSL
LRGVIAAGNTNFGAEFAYAGNVVSRKCGVPYLYRFELMGTPDDVEAVRAGLADFWKEQTCHLPSQLQSR
;
_entity_poly.pdbx_strand_id   C
#
loop_
_chem_comp.id
_chem_comp.type
_chem_comp.name
_chem_comp.formula
FMN non-polymer 'FLAVIN MONONUCLEOTIDE' 'C17 H21 N4 O9 P'
GOL non-polymer GLYCEROL 'C3 H8 O3'
PO4 non-polymer 'PHOSPHATE ION' 'O4 P -3'
#
# COMPACT_ATOMS: atom_id res chain seq x y z
N THR A 2 6.83 -7.21 17.87
CA THR A 2 6.14 -7.57 16.64
CA THR A 2 6.08 -7.54 16.67
C THR A 2 6.35 -6.55 15.54
N VAL A 3 6.70 -7.06 14.37
CA VAL A 3 7.00 -6.25 13.20
C VAL A 3 5.69 -6.03 12.43
N GLY A 4 5.45 -4.78 12.03
N GLY A 4 5.46 -4.80 11.97
CA GLY A 4 4.31 -4.52 11.18
CA GLY A 4 4.24 -4.51 11.20
C GLY A 4 4.49 -5.18 9.82
C GLY A 4 4.39 -4.95 9.77
N GLY A 5 3.42 -5.73 9.27
CA GLY A 5 3.49 -6.26 7.92
C GLY A 5 3.46 -5.18 6.86
N LEU A 6 4.36 -5.23 5.88
CA LEU A 6 4.44 -4.24 4.82
C LEU A 6 4.73 -4.94 3.50
N VAL A 7 3.93 -4.64 2.49
CA VAL A 7 4.08 -5.15 1.13
C VAL A 7 4.06 -3.94 0.20
N TYR A 8 4.90 -3.95 -0.82
CA TYR A 8 4.92 -2.82 -1.75
C TYR A 8 5.18 -3.30 -3.17
N PHE A 9 4.87 -2.41 -4.11
CA PHE A 9 5.23 -2.57 -5.51
C PHE A 9 6.01 -1.34 -5.95
N SER A 10 6.99 -1.55 -6.83
CA SER A 10 7.72 -0.43 -7.41
C SER A 10 8.18 -0.85 -8.81
N SER A 11 8.00 0.04 -9.79
CA SER A 11 8.42 -0.25 -11.15
C SER A 11 9.90 0.09 -11.33
N VAL A 12 10.33 0.13 -12.59
CA VAL A 12 11.71 0.39 -12.97
C VAL A 12 12.21 1.73 -12.47
N SER A 13 11.31 2.70 -12.25
CA SER A 13 11.75 3.99 -11.72
C SER A 13 12.15 3.93 -10.25
N GLU A 14 11.70 2.92 -9.51
CA GLU A 14 12.18 2.63 -8.16
C GLU A 14 11.85 3.69 -7.12
N TYR A 15 10.88 4.57 -7.37
CA TYR A 15 10.60 5.61 -6.39
C TYR A 15 9.98 5.05 -5.12
N THR A 16 9.02 4.12 -5.25
CA THR A 16 8.43 3.53 -4.07
C THR A 16 9.43 2.67 -3.33
N HIS A 17 10.29 1.96 -4.07
CA HIS A 17 11.37 1.21 -3.45
C HIS A 17 12.27 2.12 -2.62
N ARG A 18 12.63 3.29 -3.16
CA ARG A 18 13.46 4.24 -2.42
CA ARG A 18 13.47 4.21 -2.41
C ARG A 18 12.75 4.71 -1.16
N PHE A 19 11.45 5.01 -1.25
CA PHE A 19 10.72 5.39 -0.05
C PHE A 19 10.78 4.30 1.00
N VAL A 20 10.53 3.05 0.59
CA VAL A 20 10.52 1.96 1.55
CA VAL A 20 10.52 1.93 1.53
C VAL A 20 11.88 1.78 2.19
N GLU A 21 12.96 1.92 1.41
CA GLU A 21 14.30 1.86 2.00
C GLU A 21 14.49 2.94 3.06
N LYS A 22 13.99 4.15 2.81
CA LYS A 22 14.14 5.22 3.78
C LYS A 22 13.33 4.96 5.04
N LEU A 23 12.23 4.21 4.95
N LEU A 23 12.28 4.16 4.93
CA LEU A 23 11.37 4.01 6.12
CA LEU A 23 11.34 3.96 6.03
C LEU A 23 12.10 3.33 7.26
C LEU A 23 11.97 3.20 7.19
N GLY A 24 13.06 2.47 6.97
CA GLY A 24 13.68 1.73 8.05
C GLY A 24 12.75 0.70 8.67
N LEU A 25 11.81 0.19 7.89
CA LEU A 25 10.89 -0.88 8.25
CA LEU A 25 10.90 -0.89 8.25
C LEU A 25 11.00 -1.96 7.18
N PRO A 26 11.02 -3.23 7.57
CA PRO A 26 11.16 -4.28 6.56
C PRO A 26 9.88 -4.48 5.77
N ALA A 27 10.03 -4.93 4.53
CA ALA A 27 8.90 -5.03 3.62
C ALA A 27 9.17 -6.07 2.55
N THR A 28 8.10 -6.64 2.01
CA THR A 28 8.14 -7.61 0.92
C THR A 28 7.70 -6.93 -0.37
N ARG A 29 8.46 -7.13 -1.44
CA ARG A 29 8.19 -6.53 -2.74
C ARG A 29 7.43 -7.49 -3.64
N ILE A 30 6.33 -7.03 -4.20
CA ILE A 30 5.61 -7.76 -5.25
C ILE A 30 6.45 -7.71 -6.53
N PRO A 31 6.76 -8.85 -7.16
CA PRO A 31 7.68 -8.86 -8.30
C PRO A 31 7.03 -8.34 -9.58
N LEU A 32 7.90 -7.99 -10.54
CA LEU A 32 7.44 -7.54 -11.85
C LEU A 32 6.56 -8.60 -12.53
N HIS A 33 6.87 -9.87 -12.33
CA HIS A 33 6.04 -10.98 -12.84
CA HIS A 33 6.03 -10.97 -12.84
C HIS A 33 6.11 -12.14 -11.87
N GLY A 34 5.01 -12.87 -11.76
CA GLY A 34 4.98 -14.09 -10.97
C GLY A 34 4.19 -13.93 -9.66
N ARG A 35 3.65 -15.05 -9.19
CA ARG A 35 2.84 -15.10 -7.97
C ARG A 35 3.72 -15.16 -6.74
N ILE A 36 3.35 -14.38 -5.72
CA ILE A 36 3.86 -14.57 -4.38
C ILE A 36 2.70 -14.61 -3.40
N GLU A 37 3.00 -15.11 -2.21
CA GLU A 37 2.02 -15.20 -1.13
C GLU A 37 2.64 -14.68 0.15
N VAL A 38 1.79 -14.11 1.00
CA VAL A 38 2.18 -13.66 2.32
C VAL A 38 1.29 -14.34 3.36
N ASP A 39 1.72 -14.27 4.62
CA ASP A 39 1.09 -15.05 5.66
C ASP A 39 0.58 -14.27 6.87
N GLU A 40 0.90 -12.99 6.99
N GLU A 40 0.92 -12.99 6.98
CA GLU A 40 0.50 -12.23 8.14
CA GLU A 40 0.56 -12.18 8.14
C GLU A 40 -0.03 -10.86 7.69
C GLU A 40 -0.07 -10.87 7.66
N PRO A 41 -0.83 -10.20 8.53
CA PRO A 41 -1.51 -8.97 8.10
C PRO A 41 -0.52 -7.89 7.71
N TYR A 42 -0.92 -7.05 6.74
CA TYR A 42 0.02 -6.07 6.20
C TYR A 42 -0.71 -4.82 5.72
N VAL A 43 0.05 -3.75 5.62
CA VAL A 43 -0.31 -2.56 4.86
C VAL A 43 0.41 -2.61 3.52
N LEU A 44 -0.31 -2.22 2.47
CA LEU A 44 0.22 -2.17 1.10
C LEU A 44 0.62 -0.76 0.74
N ILE A 45 1.82 -0.60 0.17
CA ILE A 45 2.29 0.67 -0.38
C ILE A 45 2.40 0.49 -1.89
N LEU A 46 1.72 1.35 -2.65
CA LEU A 46 1.76 1.18 -4.10
C LEU A 46 1.72 2.52 -4.82
N PRO A 47 2.36 2.61 -5.97
CA PRO A 47 2.25 3.79 -6.83
C PRO A 47 1.03 3.69 -7.74
N THR A 48 0.76 4.78 -8.44
CA THR A 48 -0.40 4.93 -9.31
C THR A 48 0.07 5.08 -10.74
N TYR A 49 -0.52 4.30 -11.64
CA TYR A 49 -0.25 4.48 -13.06
C TYR A 49 -1.56 4.88 -13.74
N GLY A 50 -1.59 4.80 -15.07
CA GLY A 50 -2.83 4.97 -15.80
C GLY A 50 -3.46 6.35 -15.83
N GLY A 51 -2.79 7.40 -15.36
CA GLY A 51 -3.40 8.71 -15.36
C GLY A 51 -3.55 9.34 -16.72
N GLY A 52 -4.33 10.42 -16.76
CA GLY A 52 -4.61 11.19 -17.96
C GLY A 52 -5.98 11.85 -17.96
N ARG A 53 -6.94 11.27 -17.25
CA ARG A 53 -8.34 11.69 -17.31
C ARG A 53 -8.58 12.81 -16.30
N ALA A 54 -8.93 14.01 -16.81
CA ALA A 54 -9.08 15.18 -15.94
C ALA A 54 -10.19 15.01 -14.93
N THR A 55 -11.28 14.33 -15.30
CA THR A 55 -12.37 14.00 -14.38
C THR A 55 -12.44 12.49 -14.25
N PRO A 56 -11.69 11.91 -13.32
CA PRO A 56 -11.53 10.45 -13.29
C PRO A 56 -12.68 9.76 -12.56
N ASP A 57 -12.70 8.44 -12.72
CA ASP A 57 -13.68 7.57 -12.08
C ASP A 57 -12.94 6.43 -11.41
N ILE A 58 -13.36 6.10 -10.18
CA ILE A 58 -12.73 5.05 -9.38
C ILE A 58 -12.64 3.73 -10.13
N ASN A 59 -13.60 3.46 -11.01
CA ASN A 59 -13.70 2.16 -11.64
C ASN A 59 -12.93 2.06 -12.96
N HIS A 60 -12.49 3.19 -13.52
CA HIS A 60 -11.70 3.15 -14.73
C HIS A 60 -10.36 2.46 -14.44
N GLY A 61 -10.02 1.47 -15.25
CA GLY A 61 -8.86 0.66 -14.98
C GLY A 61 -7.56 1.39 -15.29
N GLY A 62 -6.47 0.83 -14.75
CA GLY A 62 -5.14 1.31 -15.04
C GLY A 62 -4.42 1.96 -13.87
N TYR A 63 -5.16 2.44 -12.86
CA TYR A 63 -4.51 3.15 -11.76
C TYR A 63 -3.71 2.20 -10.87
N VAL A 64 -4.28 1.04 -10.57
CA VAL A 64 -3.60 0.07 -9.73
C VAL A 64 -2.67 -0.77 -10.62
N PRO A 65 -1.38 -0.91 -10.27
CA PRO A 65 -0.49 -1.73 -11.09
C PRO A 65 -1.05 -3.14 -11.28
N LYS A 66 -0.89 -3.67 -12.49
CA LYS A 66 -1.43 -5.00 -12.78
C LYS A 66 -0.88 -6.07 -11.85
N GLN A 67 0.36 -5.92 -11.38
CA GLN A 67 0.93 -6.90 -10.47
C GLN A 67 0.25 -6.87 -9.11
N VAL A 68 -0.24 -5.69 -8.71
N VAL A 68 -0.21 -5.68 -8.69
CA VAL A 68 -0.95 -5.57 -7.44
CA VAL A 68 -0.96 -5.60 -7.43
C VAL A 68 -2.36 -6.16 -7.57
C VAL A 68 -2.33 -6.24 -7.58
N ILE A 69 -3.00 -5.97 -8.72
CA ILE A 69 -4.30 -6.62 -8.94
CA ILE A 69 -4.30 -6.63 -8.99
C ILE A 69 -4.15 -8.13 -8.86
N ALA A 70 -3.12 -8.67 -9.51
CA ALA A 70 -2.91 -10.12 -9.50
C ALA A 70 -2.61 -10.63 -8.09
N PHE A 71 -1.77 -9.90 -7.35
CA PHE A 71 -1.47 -10.25 -5.97
C PHE A 71 -2.74 -10.32 -5.12
N LEU A 72 -3.62 -9.34 -5.29
CA LEU A 72 -4.86 -9.27 -4.52
C LEU A 72 -5.96 -10.19 -5.04
N ASN A 73 -5.77 -10.79 -6.22
CA ASN A 73 -6.69 -11.83 -6.67
C ASN A 73 -6.56 -13.12 -5.87
N ASN A 74 -5.43 -13.32 -5.20
CA ASN A 74 -5.24 -14.47 -4.33
C ASN A 74 -6.02 -14.17 -3.05
N GLU A 75 -7.00 -15.04 -2.74
CA GLU A 75 -7.91 -14.77 -1.63
CA GLU A 75 -7.90 -14.72 -1.63
C GLU A 75 -7.16 -14.63 -0.31
N HIS A 76 -6.12 -15.44 -0.11
CA HIS A 76 -5.40 -15.36 1.16
C HIS A 76 -4.63 -14.05 1.26
N ASN A 77 -3.94 -13.65 0.20
CA ASN A 77 -3.27 -12.35 0.22
C ASN A 77 -4.27 -11.24 0.49
N ARG A 78 -5.42 -11.29 -0.18
CA ARG A 78 -6.40 -10.23 -0.03
C ARG A 78 -6.96 -10.20 1.39
N SER A 79 -7.18 -11.38 1.99
CA SER A 79 -7.75 -11.45 3.33
CA SER A 79 -7.76 -11.43 3.33
CA SER A 79 -7.75 -11.44 3.32
C SER A 79 -6.86 -10.75 4.35
N LEU A 80 -5.55 -10.73 4.11
CA LEU A 80 -4.57 -10.19 5.05
C LEU A 80 -4.30 -8.70 4.87
N LEU A 81 -4.85 -8.08 3.83
CA LEU A 81 -4.68 -6.64 3.61
C LEU A 81 -5.43 -5.88 4.70
N ARG A 82 -4.76 -4.92 5.32
CA ARG A 82 -5.36 -4.14 6.39
C ARG A 82 -5.44 -2.64 6.11
N GLY A 83 -4.72 -2.14 5.11
CA GLY A 83 -4.69 -0.71 4.85
C GLY A 83 -3.81 -0.45 3.65
N VAL A 84 -3.88 0.78 3.13
CA VAL A 84 -3.15 1.13 1.92
C VAL A 84 -2.54 2.52 2.05
N ILE A 85 -1.34 2.66 1.51
CA ILE A 85 -0.62 3.92 1.34
C ILE A 85 -0.28 4.03 -0.14
N ALA A 86 -0.51 5.20 -0.74
CA ALA A 86 -0.34 5.32 -2.18
C ALA A 86 0.61 6.45 -2.54
N ALA A 87 1.32 6.25 -3.64
CA ALA A 87 2.22 7.25 -4.19
C ALA A 87 1.74 7.70 -5.56
N GLY A 88 2.18 8.89 -5.92
CA GLY A 88 1.88 9.44 -7.21
C GLY A 88 2.64 10.73 -7.45
N ASN A 89 2.03 11.61 -8.24
CA ASN A 89 2.63 12.87 -8.64
C ASN A 89 1.49 13.87 -8.70
N THR A 90 1.57 14.95 -7.92
CA THR A 90 0.44 15.88 -7.84
C THR A 90 0.16 16.61 -9.15
N ASN A 91 1.08 16.59 -10.12
CA ASN A 91 0.72 17.11 -11.44
C ASN A 91 -0.47 16.40 -12.05
N PHE A 92 -0.80 15.21 -11.58
CA PHE A 92 -1.98 14.50 -12.04
C PHE A 92 -3.28 15.00 -11.40
N GLY A 93 -3.22 15.96 -10.48
CA GLY A 93 -4.43 16.63 -10.01
C GLY A 93 -5.45 15.67 -9.42
N ALA A 94 -6.63 15.60 -10.05
CA ALA A 94 -7.72 14.76 -9.57
C ALA A 94 -7.39 13.27 -9.63
N GLU A 95 -6.28 12.88 -10.26
CA GLU A 95 -5.82 11.50 -10.28
C GLU A 95 -4.64 11.27 -9.35
N PHE A 96 -4.27 12.25 -8.52
CA PHE A 96 -3.11 12.10 -7.65
C PHE A 96 -3.28 10.90 -6.72
N ALA A 97 -2.33 9.97 -6.79
CA ALA A 97 -2.28 8.83 -5.88
C ALA A 97 -3.57 8.02 -5.91
N TYR A 98 -4.26 8.03 -7.05
CA TYR A 98 -5.59 7.46 -7.13
C TYR A 98 -5.63 5.95 -6.87
N ALA A 99 -4.51 5.25 -7.03
CA ALA A 99 -4.50 3.83 -6.67
C ALA A 99 -4.92 3.63 -5.21
N GLY A 100 -4.58 4.59 -4.33
CA GLY A 100 -5.03 4.49 -2.95
C GLY A 100 -6.53 4.56 -2.81
N ASN A 101 -7.17 5.49 -3.54
CA ASN A 101 -8.63 5.56 -3.57
C ASN A 101 -9.23 4.25 -4.06
N VAL A 102 -8.66 3.69 -5.13
CA VAL A 102 -9.23 2.47 -5.71
C VAL A 102 -9.12 1.31 -4.73
N VAL A 103 -7.94 1.08 -4.18
CA VAL A 103 -7.77 -0.05 -3.27
C VAL A 103 -8.61 0.13 -2.02
N SER A 104 -8.58 1.33 -1.43
CA SER A 104 -9.32 1.59 -0.20
CA SER A 104 -9.32 1.54 -0.19
C SER A 104 -10.81 1.32 -0.38
N ARG A 105 -11.37 1.84 -1.48
CA ARG A 105 -12.81 1.68 -1.70
C ARG A 105 -13.16 0.26 -2.09
N LYS A 106 -12.41 -0.35 -3.01
CA LYS A 106 -12.78 -1.65 -3.55
C LYS A 106 -12.45 -2.80 -2.59
N CYS A 107 -11.40 -2.66 -1.78
CA CYS A 107 -11.07 -3.67 -0.79
C CYS A 107 -11.60 -3.35 0.60
N GLY A 108 -12.18 -2.17 0.80
CA GLY A 108 -12.74 -1.86 2.09
C GLY A 108 -11.72 -1.75 3.20
N VAL A 109 -10.59 -1.11 2.92
CA VAL A 109 -9.55 -0.92 3.94
C VAL A 109 -9.22 0.55 4.07
N PRO A 110 -8.72 1.00 5.22
CA PRO A 110 -8.34 2.41 5.35
C PRO A 110 -7.22 2.86 4.43
N TYR A 111 -7.35 4.12 4.01
CA TYR A 111 -6.37 4.83 3.20
C TYR A 111 -5.54 5.64 4.20
N LEU A 112 -4.33 5.16 4.52
CA LEU A 112 -3.56 5.69 5.63
CA LEU A 112 -3.58 5.70 5.64
C LEU A 112 -2.80 6.96 5.27
N TYR A 113 -2.28 7.04 4.06
CA TYR A 113 -1.36 8.13 3.72
C TYR A 113 -1.14 8.12 2.21
N ARG A 114 -0.75 9.27 1.67
CA ARG A 114 -0.33 9.37 0.28
C ARG A 114 0.86 10.32 0.19
N PHE A 115 1.71 10.10 -0.81
CA PHE A 115 2.93 10.89 -0.97
C PHE A 115 3.33 10.93 -2.43
N GLU A 116 4.30 11.81 -2.73
CA GLU A 116 4.78 11.99 -4.10
C GLU A 116 6.14 11.32 -4.27
N LEU A 117 6.29 10.59 -5.37
CA LEU A 117 7.59 10.10 -5.83
C LEU A 117 8.26 9.32 -4.71
N MET A 118 9.51 9.64 -4.36
CA MET A 118 10.24 8.89 -3.35
C MET A 118 9.97 9.41 -1.94
N GLY A 119 9.09 10.40 -1.79
CA GLY A 119 8.71 10.89 -0.49
C GLY A 119 9.68 11.88 0.13
N THR A 120 9.17 12.78 0.95
CA THR A 120 9.99 13.73 1.69
C THR A 120 10.36 13.16 3.04
N PRO A 121 11.33 13.77 3.74
CA PRO A 121 11.60 13.37 5.13
C PRO A 121 10.36 13.43 6.02
N ASP A 122 9.49 14.43 5.82
CA ASP A 122 8.26 14.49 6.59
C ASP A 122 7.35 13.30 6.29
N ASP A 123 7.28 12.86 5.03
CA ASP A 123 6.50 11.69 4.69
C ASP A 123 7.05 10.44 5.37
N VAL A 124 8.37 10.28 5.37
CA VAL A 124 8.98 9.14 6.03
C VAL A 124 8.59 9.10 7.49
N GLU A 125 8.72 10.24 8.17
CA GLU A 125 8.40 10.30 9.59
C GLU A 125 6.92 10.04 9.84
N ALA A 126 6.06 10.62 9.00
CA ALA A 126 4.62 10.46 9.20
C ALA A 126 4.19 9.01 8.98
N VAL A 127 4.80 8.33 8.01
CA VAL A 127 4.45 6.94 7.78
C VAL A 127 4.97 6.04 8.90
N ARG A 128 6.20 6.28 9.38
N ARG A 128 6.20 6.27 9.36
CA ARG A 128 6.68 5.50 10.52
CA ARG A 128 6.70 5.53 10.53
C ARG A 128 5.78 5.66 11.73
C ARG A 128 5.74 5.66 11.70
N ALA A 129 5.38 6.90 12.04
CA ALA A 129 4.51 7.13 13.20
C ALA A 129 3.11 6.57 12.94
N GLY A 130 2.61 6.74 11.72
CA GLY A 130 1.26 6.33 11.40
C GLY A 130 1.10 4.82 11.40
N LEU A 131 2.11 4.11 10.90
CA LEU A 131 2.08 2.65 10.95
C LEU A 131 2.13 2.15 12.38
N ALA A 132 2.96 2.76 13.22
CA ALA A 132 3.00 2.37 14.63
C ALA A 132 1.63 2.53 15.28
N ASP A 133 0.97 3.68 15.03
CA ASP A 133 -0.35 3.90 15.60
C ASP A 133 -1.37 2.93 15.02
N PHE A 134 -1.25 2.63 13.74
CA PHE A 134 -2.18 1.71 13.08
C PHE A 134 -2.15 0.34 13.71
N TRP A 135 -0.96 -0.24 13.88
CA TRP A 135 -0.86 -1.58 14.45
C TRP A 135 -1.23 -1.59 15.92
N LYS A 136 -0.95 -0.50 16.64
CA LYS A 136 -1.39 -0.41 18.03
C LYS A 136 -2.91 -0.50 18.12
N GLU A 137 -3.62 0.10 17.16
CA GLU A 137 -5.08 0.08 17.20
C GLU A 137 -5.63 -1.34 17.08
N GLN A 138 -4.88 -2.26 16.46
CA GLN A 138 -5.37 -3.64 16.39
C GLN A 138 -5.50 -4.28 17.78
N THR A 139 -4.71 -3.82 18.75
CA THR A 139 -4.81 -4.34 20.11
C THR A 139 -6.09 -3.91 20.81
N CYS A 140 -6.89 -3.04 20.20
CA CYS A 140 -8.21 -2.73 20.69
C CYS A 140 -9.28 -3.66 20.15
N HIS A 141 -8.88 -4.69 19.40
CA HIS A 141 -9.83 -5.58 18.75
C HIS A 141 -9.64 -7.04 19.16
N LEU A 142 -8.93 -7.29 20.26
CA LEU A 142 -8.58 -8.66 20.61
C LEU A 142 -9.82 -9.45 21.03
N PRO A 143 -9.80 -10.77 20.87
CA PRO A 143 -10.92 -11.60 21.32
C PRO A 143 -11.14 -11.47 22.82
N SER A 144 -12.35 -11.81 23.25
CA SER A 144 -12.59 -11.94 24.67
C SER A 144 -11.80 -13.12 25.20
N GLN A 145 -11.25 -12.98 26.40
CA GLN A 145 -10.64 -14.12 27.07
C GLN A 145 -11.41 -14.57 28.31
N LEU A 146 -12.70 -14.24 28.39
CA LEU A 146 -13.58 -14.82 29.42
C LEU A 146 -14.04 -16.23 29.07
N1 FMN B . 0.76 9.53 -10.51
C2 FMN B . -0.48 9.86 -10.03
O2 FMN B . -0.57 10.46 -8.96
N3 FMN B . -1.60 9.53 -10.74
C4 FMN B . -1.53 8.89 -11.96
O4 FMN B . -2.60 8.64 -12.55
C4A FMN B . -0.29 8.55 -12.47
N5 FMN B . -0.15 7.91 -13.68
C5A FMN B . 1.12 7.60 -14.15
C6 FMN B . 1.25 6.96 -15.38
C7 FMN B . 2.50 6.61 -15.88
C7M FMN B . 2.63 5.91 -17.20
C8 FMN B . 3.63 6.93 -15.14
C8M FMN B . 5.00 6.58 -15.65
C9 FMN B . 3.50 7.58 -13.90
C9A FMN B . 2.25 7.93 -13.40
N10 FMN B . 2.11 8.55 -12.17
C10 FMN B . 0.85 8.88 -11.72
C1' FMN B . 3.31 8.89 -11.33
C2' FMN B . 3.82 7.67 -10.56
O2' FMN B . 2.85 7.16 -9.67
C3' FMN B . 5.05 8.08 -9.74
O3' FMN B . 6.10 8.45 -10.62
C4' FMN B . 5.51 7.02 -8.75
O4' FMN B . 6.47 7.61 -7.91
C5' FMN B . 6.11 5.81 -9.46
O5' FMN B . 6.47 4.85 -8.48
P FMN B . 7.53 3.70 -8.84
O1P FMN B . 8.81 4.37 -9.28
O2P FMN B . 7.71 2.96 -7.55
O3P FMN B . 6.96 2.84 -9.95
P PO4 C . 11.50 8.00 14.16
O1 PO4 C . 10.27 8.76 14.63
O2 PO4 C . 11.26 6.52 14.21
O3 PO4 C . 12.65 8.38 15.05
O4 PO4 C . 11.87 8.36 12.75
C1 GOL D . 0.09 14.66 4.11
O1 GOL D . 0.28 15.23 2.85
C2 GOL D . -1.20 13.80 4.06
O2 GOL D . -2.30 14.52 3.59
C3 GOL D . -0.88 12.58 3.17
O3 GOL D . -1.84 11.59 3.44
#